data_3F6A
#
_entry.id   3F6A
#
_cell.length_a   41.076
_cell.length_b   62.614
_cell.length_c   120.273
_cell.angle_alpha   90.00
_cell.angle_beta   90.00
_cell.angle_gamma   90.00
#
_symmetry.space_group_name_H-M   'P 21 21 21'
#
loop_
_entity.id
_entity.type
_entity.pdbx_description
1 polymer 'Hydrolase, NUDIX family'
2 water water
#
_entity_poly.entity_id   1
_entity_poly.type   'polypeptide(L)'
_entity_poly.pdbx_seq_one_letter_code
;(MSE)SLNRHFTVSVFIVCKDKVLLHLHKKAKK(MSE)LPLGGHIEVNELPEEACIREAKEEAGLNVTLYNPIDINLKKS
CDLSGEKLLINPIHTILGDVSPNHSHIDFVYYATTTSFETSPEIGESKILKWYSKEDLKNAHNIQENILV(MSE)ATEAL
DLLEGHHHHHH
;
_entity_poly.pdbx_strand_id   A,B
#
# COMPACT_ATOMS: atom_id res chain seq x y z
N LEU A 3 4.77 -5.88 -11.55
CA LEU A 3 5.64 -6.99 -12.01
C LEU A 3 7.01 -6.48 -12.47
N ASN A 4 7.25 -5.18 -12.31
CA ASN A 4 8.52 -4.57 -12.71
C ASN A 4 9.12 -3.65 -11.64
N ARG A 5 10.41 -3.38 -11.77
CA ARG A 5 11.14 -2.52 -10.82
C ARG A 5 10.70 -1.05 -10.79
N HIS A 6 9.39 -0.84 -10.63
CA HIS A 6 8.80 0.49 -10.57
C HIS A 6 8.23 0.76 -9.18
N PHE A 7 8.86 0.18 -8.16
CA PHE A 7 8.39 0.32 -6.79
C PHE A 7 9.47 0.84 -5.87
N THR A 8 9.13 1.88 -5.12
CA THR A 8 10.06 2.48 -4.17
C THR A 8 9.34 2.72 -2.84
N VAL A 9 10.09 3.11 -1.82
CA VAL A 9 9.52 3.40 -0.52
C VAL A 9 10.03 4.75 -0.02
N SER A 10 9.28 5.35 0.90
CA SER A 10 9.65 6.61 1.50
C SER A 10 9.34 6.46 2.98
N VAL A 11 10.16 7.08 3.83
CA VAL A 11 9.96 6.99 5.27
C VAL A 11 10.14 8.33 5.94
N PHE A 12 9.13 8.76 6.66
CA PHE A 12 9.18 10.01 7.41
C PHE A 12 9.45 9.57 8.83
N ILE A 13 10.64 9.90 9.33
CA ILE A 13 11.06 9.52 10.66
C ILE A 13 10.92 10.65 11.67
N VAL A 14 10.24 10.37 12.77
CA VAL A 14 10.02 11.35 13.81
C VAL A 14 10.79 11.05 15.10
N CYS A 15 11.49 12.06 15.62
CA CYS A 15 12.21 11.92 16.87
C CYS A 15 11.62 13.01 17.75
N LYS A 16 11.01 12.59 18.87
CA LYS A 16 10.32 13.49 19.79
C LYS A 16 9.38 14.44 19.06
N ASP A 17 9.78 15.69 18.83
CA ASP A 17 8.90 16.62 18.14
C ASP A 17 9.37 17.13 16.78
N LYS A 18 10.25 16.37 16.12
CA LYS A 18 10.74 16.77 14.81
C LYS A 18 10.78 15.61 13.81
N VAL A 19 10.79 15.93 12.53
CA VAL A 19 10.82 14.92 11.48
C VAL A 19 12.05 15.13 10.61
N LEU A 20 12.63 14.02 10.14
CA LEU A 20 13.86 14.05 9.33
C LEU A 20 13.71 14.03 7.82
N LEU A 21 14.50 14.87 7.15
CA LEU A 21 14.51 14.94 5.68
C LEU A 21 15.97 15.07 5.27
N HIS A 22 16.30 14.75 4.02
CA HIS A 22 17.67 14.92 3.56
C HIS A 22 17.66 15.48 2.14
N LEU A 23 18.72 16.22 1.81
CA LEU A 23 18.83 16.84 0.48
C LEU A 23 19.20 15.76 -0.55
N HIS A 24 18.28 15.48 -1.46
CA HIS A 24 18.52 14.45 -2.46
C HIS A 24 19.84 14.56 -3.23
N LYS A 25 20.25 15.79 -3.51
CA LYS A 25 21.49 16.04 -4.27
C LYS A 25 21.24 15.69 -5.74
N LYS A 26 21.82 16.47 -6.65
CA LYS A 26 21.61 16.27 -8.08
C LYS A 26 20.14 16.62 -8.30
N ALA A 27 19.55 17.19 -7.26
CA ALA A 27 18.15 17.61 -7.24
C ALA A 27 17.98 18.36 -5.93
N LYS A 28 18.48 19.59 -5.89
CA LYS A 28 18.42 20.43 -4.70
C LYS A 28 17.01 20.53 -4.13
N LYS A 29 16.64 19.56 -3.30
CA LYS A 29 15.32 19.53 -2.68
C LYS A 29 15.32 18.59 -1.48
N MSE A 30 14.63 18.98 -0.41
CA MSE A 30 14.56 18.14 0.79
C MSE A 30 13.52 17.03 0.59
O MSE A 30 12.40 17.28 0.16
CB MSE A 30 14.17 18.99 2.01
CG MSE A 30 15.22 20.07 2.34
SE MSE A 30 17.03 19.37 2.46
CE MSE A 30 16.89 18.52 4.17
N LEU A 31 13.91 15.80 0.93
CA LEU A 31 13.01 14.65 0.79
C LEU A 31 13.17 13.67 1.94
N PRO A 32 12.16 12.81 2.16
CA PRO A 32 12.28 11.85 3.25
C PRO A 32 13.25 10.79 2.77
N LEU A 33 13.71 9.94 3.69
CA LEU A 33 14.61 8.87 3.30
C LEU A 33 13.81 7.89 2.45
N GLY A 34 14.51 7.07 1.66
CA GLY A 34 13.81 6.11 0.83
C GLY A 34 14.66 5.62 -0.34
N GLY A 35 14.04 4.83 -1.22
CA GLY A 35 14.77 4.30 -2.35
C GLY A 35 14.08 3.07 -2.90
N HIS A 36 14.71 2.41 -3.86
CA HIS A 36 14.16 1.20 -4.47
C HIS A 36 14.04 0.05 -3.49
N ILE A 37 13.14 -0.87 -3.83
CA ILE A 37 12.90 -2.06 -3.02
C ILE A 37 13.68 -3.17 -3.72
N GLU A 38 14.44 -3.96 -2.97
CA GLU A 38 15.18 -5.03 -3.63
C GLU A 38 14.19 -6.12 -4.03
N VAL A 39 14.49 -6.81 -5.12
CA VAL A 39 13.61 -7.88 -5.56
C VAL A 39 13.67 -8.88 -4.41
N ASN A 40 12.54 -9.51 -4.10
CA ASN A 40 12.51 -10.47 -3.00
C ASN A 40 12.72 -9.78 -1.65
N GLU A 41 12.41 -8.49 -1.59
CA GLU A 41 12.52 -7.72 -0.35
C GLU A 41 11.16 -7.07 -0.09
N LEU A 42 10.70 -7.12 1.16
CA LEU A 42 9.41 -6.52 1.51
C LEU A 42 9.55 -5.01 1.58
N PRO A 43 8.51 -4.27 1.15
CA PRO A 43 8.58 -2.81 1.18
C PRO A 43 9.00 -2.29 2.56
N GLU A 44 8.55 -2.98 3.62
CA GLU A 44 8.88 -2.57 4.97
C GLU A 44 10.36 -2.79 5.32
N GLU A 45 10.94 -3.88 4.80
CA GLU A 45 12.34 -4.15 5.06
C GLU A 45 13.16 -3.10 4.34
N ALA A 46 12.65 -2.64 3.19
CA ALA A 46 13.33 -1.62 2.40
C ALA A 46 13.38 -0.31 3.19
N CYS A 47 12.31 -0.02 3.94
CA CYS A 47 12.28 1.20 4.74
C CYS A 47 13.34 1.10 5.83
N ILE A 48 13.38 -0.05 6.49
CA ILE A 48 14.34 -0.29 7.55
C ILE A 48 15.77 -0.15 7.05
N ARG A 49 16.11 -0.77 5.93
CA ARG A 49 17.47 -0.66 5.43
C ARG A 49 17.82 0.74 4.95
N GLU A 50 16.90 1.39 4.25
CA GLU A 50 17.17 2.74 3.76
C GLU A 50 17.39 3.69 4.92
N ALA A 51 16.66 3.48 6.02
CA ALA A 51 16.82 4.34 7.19
C ALA A 51 18.24 4.17 7.75
N LYS A 52 18.72 2.94 7.71
CA LYS A 52 20.06 2.62 8.22
C LYS A 52 21.14 3.12 7.25
N GLU A 53 20.93 2.92 5.96
CA GLU A 53 21.90 3.35 4.97
C GLU A 53 21.98 4.87 4.78
N GLU A 54 20.83 5.55 4.79
CA GLU A 54 20.83 6.98 4.57
C GLU A 54 21.01 7.86 5.81
N ALA A 55 20.80 7.30 6.99
CA ALA A 55 20.94 8.08 8.21
C ALA A 55 21.55 7.30 9.38
N GLY A 56 21.90 6.04 9.16
CA GLY A 56 22.47 5.23 10.23
C GLY A 56 21.52 5.12 11.40
N LEU A 57 20.23 5.06 11.10
CA LEU A 57 19.21 4.98 12.15
C LEU A 57 18.46 3.67 12.24
N ASN A 58 18.09 3.33 13.48
CA ASN A 58 17.28 2.16 13.76
C ASN A 58 15.91 2.82 13.92
N VAL A 59 14.89 2.30 13.26
CA VAL A 59 13.57 2.91 13.36
C VAL A 59 12.46 1.95 13.79
N THR A 60 11.30 2.53 14.08
CA THR A 60 10.13 1.76 14.47
C THR A 60 8.98 2.25 13.58
N LEU A 61 8.63 1.44 12.60
CA LEU A 61 7.55 1.80 11.67
C LEU A 61 6.19 1.81 12.36
N TYR A 62 5.38 2.80 12.04
CA TYR A 62 4.04 2.88 12.60
C TYR A 62 3.30 1.70 11.97
N ASN A 63 2.76 0.82 12.80
CA ASN A 63 2.06 -0.35 12.29
C ASN A 63 0.85 -0.78 13.12
N PRO A 64 -0.31 -0.17 12.86
CA PRO A 64 -1.53 -0.53 13.59
C PRO A 64 -1.94 -1.91 13.14
N ILE A 65 -1.84 -2.88 14.04
CA ILE A 65 -2.17 -4.26 13.72
C ILE A 65 -3.68 -4.54 13.70
N ASP A 66 -4.11 -5.26 12.68
CA ASP A 66 -5.50 -5.67 12.52
C ASP A 66 -5.39 -7.11 13.01
N ILE A 67 -5.42 -7.29 14.33
CA ILE A 67 -5.24 -8.60 14.96
C ILE A 67 -6.05 -9.74 14.33
N ASN A 68 -7.32 -9.48 14.03
CA ASN A 68 -8.17 -10.50 13.43
C ASN A 68 -7.58 -11.04 12.14
N LEU A 69 -7.09 -10.14 11.30
CA LEU A 69 -6.51 -10.55 10.04
C LEU A 69 -5.10 -11.11 10.22
N LYS A 70 -4.35 -10.60 11.18
CA LYS A 70 -3.00 -11.09 11.41
C LYS A 70 -3.03 -12.55 11.82
N LYS A 71 -3.86 -12.89 12.81
CA LYS A 71 -3.96 -14.26 13.29
C LYS A 71 -4.54 -15.22 12.26
N SER A 72 -5.60 -14.80 11.56
CA SER A 72 -6.18 -15.66 10.54
C SER A 72 -5.18 -15.89 9.41
N CYS A 73 -4.37 -14.88 9.10
CA CYS A 73 -3.37 -15.03 8.05
C CYS A 73 -2.33 -16.08 8.44
N ASP A 74 -1.81 -15.99 9.65
CA ASP A 74 -0.81 -16.95 10.12
C ASP A 74 -1.33 -18.38 10.00
N LEU A 75 -2.58 -18.59 10.37
CA LEU A 75 -3.19 -19.91 10.28
C LEU A 75 -3.17 -20.39 8.84
N SER A 76 -3.60 -19.50 7.94
CA SER A 76 -3.66 -19.79 6.51
C SER A 76 -2.27 -19.89 5.89
N GLY A 77 -1.24 -19.82 6.72
CA GLY A 77 0.12 -19.91 6.22
C GLY A 77 0.64 -18.64 5.55
N GLU A 78 -0.06 -17.53 5.76
CA GLU A 78 0.34 -16.25 5.18
C GLU A 78 0.74 -15.26 6.27
N LYS A 79 1.22 -14.09 5.86
CA LYS A 79 1.62 -13.09 6.85
C LYS A 79 1.16 -11.69 6.50
N LEU A 80 0.46 -11.06 7.44
CA LEU A 80 -0.05 -9.71 7.26
C LEU A 80 1.13 -8.76 7.47
N LEU A 81 1.45 -8.00 6.43
CA LEU A 81 2.57 -7.07 6.50
C LEU A 81 2.13 -5.68 6.91
N ILE A 82 3.10 -4.81 7.21
CA ILE A 82 2.79 -3.44 7.58
C ILE A 82 2.37 -2.74 6.29
N ASN A 83 1.21 -2.09 6.33
CA ASN A 83 0.65 -1.41 5.17
C ASN A 83 1.17 0.03 5.10
N PRO A 84 1.39 0.56 3.88
CA PRO A 84 1.87 1.94 3.77
C PRO A 84 0.79 2.91 4.21
N ILE A 85 1.19 4.12 4.59
CA ILE A 85 0.24 5.14 5.03
C ILE A 85 -0.40 5.75 3.79
N HIS A 86 0.43 5.95 2.76
CA HIS A 86 -0.02 6.52 1.50
C HIS A 86 0.71 5.86 0.35
N THR A 87 0.13 5.96 -0.84
CA THR A 87 0.72 5.42 -2.05
C THR A 87 0.72 6.56 -3.07
N ILE A 88 1.92 6.91 -3.54
CA ILE A 88 2.07 8.01 -4.51
C ILE A 88 2.80 7.62 -5.80
N LEU A 89 2.37 8.21 -6.90
CA LEU A 89 3.00 7.95 -8.19
C LEU A 89 4.01 9.07 -8.48
N GLY A 90 5.28 8.68 -8.57
CA GLY A 90 6.35 9.62 -8.83
C GLY A 90 6.84 9.56 -10.26
N ASP A 91 7.41 10.67 -10.73
CA ASP A 91 7.88 10.77 -12.10
C ASP A 91 9.36 11.12 -12.16
N VAL A 92 9.90 11.58 -11.05
CA VAL A 92 11.30 11.96 -11.02
C VAL A 92 12.00 11.48 -9.74
N SER A 93 13.30 11.24 -9.87
CA SER A 93 14.12 10.80 -8.74
C SER A 93 13.57 9.57 -8.02
N PRO A 94 13.71 8.38 -8.61
CA PRO A 94 14.32 8.07 -9.90
C PRO A 94 13.57 8.69 -11.08
N ASN A 95 14.27 8.90 -12.18
CA ASN A 95 13.67 9.51 -13.36
C ASN A 95 12.94 8.58 -14.31
N HIS A 96 12.01 7.83 -13.74
CA HIS A 96 11.15 6.90 -14.48
C HIS A 96 9.92 6.78 -13.59
N SER A 97 8.75 6.58 -14.21
CA SER A 97 7.52 6.47 -13.44
C SER A 97 7.68 5.40 -12.39
N HIS A 98 7.22 5.68 -11.17
CA HIS A 98 7.32 4.71 -10.10
C HIS A 98 6.30 4.94 -9.01
N ILE A 99 5.94 3.86 -8.33
CA ILE A 99 5.01 3.90 -7.22
C ILE A 99 5.86 4.06 -5.98
N ASP A 100 5.44 4.95 -5.09
CA ASP A 100 6.18 5.15 -3.85
C ASP A 100 5.30 4.88 -2.65
N PHE A 101 5.66 3.84 -1.89
CA PHE A 101 4.92 3.45 -0.70
C PHE A 101 5.48 4.26 0.47
N VAL A 102 4.62 5.12 1.03
CA VAL A 102 5.03 5.99 2.14
C VAL A 102 4.72 5.44 3.52
N TYR A 103 5.74 5.44 4.38
CA TYR A 103 5.61 4.95 5.75
C TYR A 103 6.05 6.03 6.73
N TYR A 104 5.49 5.99 7.93
CA TYR A 104 5.86 6.93 8.98
C TYR A 104 6.50 6.07 10.07
N ALA A 105 7.51 6.60 10.75
CA ALA A 105 8.20 5.86 11.80
C ALA A 105 8.80 6.78 12.85
N THR A 106 9.34 6.16 13.90
CA THR A 106 9.97 6.90 14.98
C THR A 106 11.41 6.40 15.16
N THR A 107 12.23 7.22 15.80
CA THR A 107 13.62 6.85 16.10
C THR A 107 13.97 7.53 17.43
N THR A 108 15.02 7.04 18.09
CA THR A 108 15.40 7.57 19.40
C THR A 108 16.26 8.84 19.51
N SER A 109 17.19 9.06 18.58
CA SER A 109 18.04 10.24 18.65
C SER A 109 18.15 11.03 17.36
N PHE A 110 18.49 12.30 17.48
CA PHE A 110 18.64 13.19 16.33
C PHE A 110 19.95 12.92 15.61
N GLU A 111 20.87 12.24 16.28
CA GLU A 111 22.16 11.98 15.67
C GLU A 111 22.02 11.06 14.47
N THR A 112 22.68 11.42 13.38
CA THR A 112 22.62 10.63 12.15
C THR A 112 24.00 10.40 11.58
N SER A 113 24.15 9.29 10.86
CA SER A 113 25.42 8.94 10.26
C SER A 113 25.20 8.21 8.94
N PRO A 114 25.00 8.96 7.83
CA PRO A 114 24.77 8.33 6.53
C PRO A 114 25.93 7.45 6.07
N GLU A 115 25.61 6.38 5.37
CA GLU A 115 26.65 5.50 4.85
C GLU A 115 27.22 6.12 3.57
N ILE A 116 28.36 5.58 3.14
CA ILE A 116 29.08 6.06 1.97
C ILE A 116 28.24 6.40 0.74
N GLY A 117 28.50 7.56 0.17
CA GLY A 117 27.80 7.98 -1.03
C GLY A 117 26.37 8.44 -0.90
N GLU A 118 25.84 8.43 0.32
CA GLU A 118 24.46 8.86 0.54
C GLU A 118 24.48 10.37 0.79
N SER A 119 23.32 11.02 0.69
CA SER A 119 23.24 12.45 0.96
C SER A 119 23.77 12.72 2.36
N LYS A 120 24.61 13.74 2.51
CA LYS A 120 25.18 14.06 3.82
C LYS A 120 24.55 15.27 4.49
N ILE A 121 23.46 15.78 3.90
CA ILE A 121 22.75 16.93 4.48
C ILE A 121 21.40 16.44 4.98
N LEU A 122 21.31 16.25 6.29
CA LEU A 122 20.08 15.79 6.94
C LEU A 122 19.65 16.82 7.96
N LYS A 123 18.37 17.18 7.95
CA LYS A 123 17.87 18.17 8.88
C LYS A 123 16.57 17.74 9.54
N TRP A 124 16.40 18.15 10.80
CA TRP A 124 15.17 17.82 11.53
C TRP A 124 14.29 19.06 11.52
N TYR A 125 12.99 18.85 11.29
CA TYR A 125 12.05 19.96 11.23
C TYR A 125 10.91 19.88 12.25
N SER A 126 10.62 21.01 12.86
CA SER A 126 9.53 21.12 13.82
C SER A 126 8.28 21.40 13.01
N LYS A 127 7.11 21.23 13.61
CA LYS A 127 5.88 21.51 12.88
C LYS A 127 5.91 22.98 12.48
N GLU A 128 6.64 23.78 13.24
CA GLU A 128 6.76 25.21 12.95
C GLU A 128 7.60 25.43 11.70
N ASP A 129 8.73 24.72 11.61
CA ASP A 129 9.58 24.85 10.44
C ASP A 129 8.86 24.19 9.27
N LEU A 130 7.65 24.66 8.98
CA LEU A 130 6.84 24.13 7.91
C LEU A 130 6.93 25.08 6.72
N LYS A 131 6.09 26.11 6.74
CA LYS A 131 6.05 27.11 5.67
C LYS A 131 7.30 27.98 5.64
N ASN A 132 8.30 27.64 6.45
CA ASN A 132 9.52 28.44 6.50
C ASN A 132 10.58 28.06 5.46
N ALA A 133 10.64 26.80 5.08
CA ALA A 133 11.62 26.36 4.10
C ALA A 133 11.23 26.77 2.68
N HIS A 134 12.21 26.78 1.78
CA HIS A 134 11.97 27.14 0.38
C HIS A 134 12.56 26.10 -0.56
N ASN A 135 12.77 24.90 -0.04
CA ASN A 135 13.32 23.81 -0.83
C ASN A 135 12.66 22.49 -0.46
N ILE A 136 11.37 22.56 -0.13
CA ILE A 136 10.59 21.38 0.22
C ILE A 136 9.24 21.41 -0.50
N GLN A 137 9.02 20.44 -1.38
CA GLN A 137 7.77 20.35 -2.14
C GLN A 137 6.59 20.37 -1.17
N GLU A 138 5.46 20.91 -1.62
CA GLU A 138 4.27 20.99 -0.78
C GLU A 138 3.77 19.66 -0.22
N ASN A 139 3.70 18.63 -1.05
CA ASN A 139 3.20 17.33 -0.58
C ASN A 139 4.13 16.70 0.45
N ILE A 140 5.41 17.07 0.40
CA ILE A 140 6.36 16.55 1.38
C ILE A 140 6.09 17.28 2.69
N LEU A 141 5.79 18.56 2.59
CA LEU A 141 5.49 19.37 3.77
C LEU A 141 4.26 18.82 4.47
N VAL A 142 3.29 18.38 3.68
CA VAL A 142 2.06 17.82 4.23
C VAL A 142 2.29 16.49 4.95
N MSE A 143 2.99 15.57 4.31
CA MSE A 143 3.24 14.27 4.91
C MSE A 143 4.13 14.35 6.15
O MSE A 143 3.94 13.60 7.11
CB MSE A 143 3.81 13.30 3.89
CG MSE A 143 2.81 12.96 2.78
SE MSE A 143 3.34 11.54 1.59
CE MSE A 143 4.64 12.50 0.56
N ALA A 144 5.08 15.26 6.14
CA ALA A 144 5.97 15.43 7.29
C ALA A 144 5.15 15.93 8.47
N THR A 145 4.17 16.77 8.17
CA THR A 145 3.29 17.31 9.20
C THR A 145 2.36 16.22 9.73
N GLU A 146 1.85 15.39 8.83
CA GLU A 146 0.98 14.29 9.25
C GLU A 146 1.79 13.35 10.13
N ALA A 147 3.03 13.08 9.72
CA ALA A 147 3.90 12.19 10.50
C ALA A 147 4.06 12.74 11.92
N LEU A 148 4.28 14.05 12.02
CA LEU A 148 4.44 14.70 13.32
C LEU A 148 3.15 14.64 14.13
N ASP A 149 2.02 14.96 13.50
CA ASP A 149 0.73 14.94 14.19
C ASP A 149 0.44 13.54 14.72
N LEU A 150 0.84 12.53 13.96
CA LEU A 150 0.61 11.14 14.35
C LEU A 150 1.55 10.65 15.43
N LEU A 151 2.84 10.89 15.24
CA LEU A 151 3.84 10.44 16.19
C LEU A 151 4.33 11.55 17.12
N GLU A 152 3.40 12.46 17.42
CA GLU A 152 3.63 13.60 18.30
C GLU A 152 4.61 14.62 17.72
N LEU B 3 13.90 -6.95 -14.12
CA LEU B 3 13.55 -7.89 -13.02
C LEU B 3 12.05 -7.90 -12.78
N ASN B 4 11.41 -9.04 -13.03
CA ASN B 4 9.98 -9.15 -12.80
C ASN B 4 9.75 -9.43 -11.33
N ARG B 5 8.61 -8.96 -10.80
CA ARG B 5 8.30 -9.12 -9.39
C ARG B 5 7.18 -10.10 -9.04
N HIS B 6 6.24 -10.30 -9.96
CA HIS B 6 5.14 -11.23 -9.74
C HIS B 6 4.15 -10.74 -8.68
N PHE B 7 4.08 -9.42 -8.48
CA PHE B 7 3.14 -8.86 -7.51
C PHE B 7 1.74 -9.28 -7.92
N THR B 8 0.84 -9.39 -6.94
CA THR B 8 -0.54 -9.74 -7.23
C THR B 8 -1.46 -8.78 -6.49
N VAL B 9 -2.73 -8.79 -6.87
CA VAL B 9 -3.73 -7.96 -6.21
C VAL B 9 -4.95 -8.83 -5.88
N SER B 10 -5.72 -8.38 -4.90
CA SER B 10 -6.93 -9.05 -4.47
C SER B 10 -7.99 -7.98 -4.32
N VAL B 11 -9.19 -8.21 -4.84
CA VAL B 11 -10.25 -7.24 -4.68
C VAL B 11 -11.53 -7.89 -4.21
N PHE B 12 -12.08 -7.37 -3.11
CA PHE B 12 -13.32 -7.89 -2.55
C PHE B 12 -14.38 -6.88 -2.98
N ILE B 13 -15.31 -7.33 -3.81
CA ILE B 13 -16.36 -6.47 -4.35
C ILE B 13 -17.69 -6.65 -3.63
N VAL B 14 -18.24 -5.53 -3.18
CA VAL B 14 -19.50 -5.50 -2.44
C VAL B 14 -20.64 -4.90 -3.25
N CYS B 15 -21.76 -5.61 -3.31
CA CYS B 15 -22.96 -5.11 -3.99
C CYS B 15 -24.10 -5.24 -2.99
N LYS B 16 -24.71 -4.12 -2.62
CA LYS B 16 -25.78 -4.13 -1.64
C LYS B 16 -25.24 -4.73 -0.33
N ASP B 17 -25.76 -5.87 0.11
CA ASP B 17 -25.24 -6.46 1.34
C ASP B 17 -24.50 -7.78 1.15
N LYS B 18 -23.88 -7.96 -0.02
CA LYS B 18 -23.16 -9.18 -0.30
C LYS B 18 -21.80 -8.90 -0.92
N VAL B 19 -20.85 -9.79 -0.68
CA VAL B 19 -19.50 -9.68 -1.21
C VAL B 19 -19.28 -10.80 -2.21
N LEU B 20 -18.48 -10.53 -3.24
CA LEU B 20 -18.22 -11.49 -4.30
C LEU B 20 -16.95 -12.32 -4.18
N LEU B 21 -17.05 -13.62 -4.43
CA LEU B 21 -15.90 -14.53 -4.38
C LEU B 21 -16.06 -15.51 -5.53
N HIS B 22 -14.95 -16.03 -6.05
CA HIS B 22 -15.07 -17.02 -7.11
C HIS B 22 -14.26 -18.25 -6.74
N LEU B 23 -14.62 -19.38 -7.33
CA LEU B 23 -14.01 -20.65 -7.01
C LEU B 23 -12.74 -21.04 -7.77
N HIS B 24 -11.74 -21.47 -7.02
CA HIS B 24 -10.50 -21.97 -7.62
C HIS B 24 -10.66 -23.48 -7.56
N LYS B 25 -11.38 -24.02 -8.54
CA LYS B 25 -11.66 -25.45 -8.64
C LYS B 25 -10.53 -26.28 -8.02
N LYS B 26 -9.30 -26.01 -8.46
CA LYS B 26 -8.15 -26.72 -7.93
C LYS B 26 -7.96 -26.32 -6.48
N ALA B 27 -7.97 -27.31 -5.59
CA ALA B 27 -7.82 -27.07 -4.16
C ALA B 27 -9.06 -26.41 -3.57
N LYS B 28 -10.12 -26.31 -4.36
CA LYS B 28 -11.37 -25.72 -3.90
C LYS B 28 -11.09 -24.31 -3.39
N LYS B 29 -11.81 -23.93 -2.34
CA LYS B 29 -11.64 -22.62 -1.72
C LYS B 29 -12.13 -21.46 -2.58
N MSE B 30 -12.92 -20.59 -1.96
CA MSE B 30 -13.42 -19.40 -2.63
C MSE B 30 -12.40 -18.31 -2.37
O MSE B 30 -11.86 -18.23 -1.27
CB MSE B 30 -14.78 -18.99 -2.06
CG MSE B 30 -15.85 -20.05 -2.20
SE MSE B 30 -16.09 -20.68 -3.99
CE MSE B 30 -16.89 -19.09 -4.74
N LEU B 31 -12.14 -17.49 -3.36
CA LEU B 31 -11.16 -16.42 -3.23
C LEU B 31 -11.69 -15.13 -3.81
N PRO B 32 -11.12 -13.99 -3.39
CA PRO B 32 -11.57 -12.72 -3.94
C PRO B 32 -11.07 -12.67 -5.38
N LEU B 33 -11.52 -11.69 -6.15
CA LEU B 33 -11.04 -11.59 -7.53
C LEU B 33 -9.64 -11.02 -7.48
N GLY B 34 -8.86 -11.27 -8.52
CA GLY B 34 -7.50 -10.75 -8.54
C GLY B 34 -6.57 -11.54 -9.43
N GLY B 35 -5.27 -11.36 -9.23
CA GLY B 35 -4.31 -12.06 -10.04
C GLY B 35 -3.05 -11.26 -10.16
N HIS B 36 -2.23 -11.61 -11.15
CA HIS B 36 -0.96 -10.95 -11.36
C HIS B 36 -1.13 -9.55 -11.95
N ILE B 37 -0.14 -8.71 -11.69
CA ILE B 37 -0.12 -7.34 -12.17
C ILE B 37 0.72 -7.30 -13.44
N GLU B 38 0.18 -6.68 -14.49
CA GLU B 38 0.88 -6.59 -15.76
C GLU B 38 2.07 -5.65 -15.68
N VAL B 39 3.03 -5.85 -16.56
CA VAL B 39 4.19 -4.97 -16.61
C VAL B 39 3.65 -3.57 -16.88
N ASN B 40 4.14 -2.60 -16.12
CA ASN B 40 3.73 -1.20 -16.26
C ASN B 40 2.28 -0.88 -15.94
N GLU B 41 1.68 -1.68 -15.07
CA GLU B 41 0.29 -1.47 -14.66
C GLU B 41 0.24 -1.22 -13.15
N LEU B 42 -0.57 -0.24 -12.74
CA LEU B 42 -0.72 0.07 -11.33
C LEU B 42 -1.58 -1.00 -10.67
N PRO B 43 -1.27 -1.35 -9.41
CA PRO B 43 -2.06 -2.37 -8.72
C PRO B 43 -3.55 -2.07 -8.79
N GLU B 44 -3.93 -0.80 -8.58
CA GLU B 44 -5.34 -0.44 -8.62
C GLU B 44 -5.93 -0.69 -10.01
N GLU B 45 -5.14 -0.45 -11.05
CA GLU B 45 -5.61 -0.68 -12.42
C GLU B 45 -5.79 -2.17 -12.63
N ALA B 46 -4.92 -2.98 -12.01
CA ALA B 46 -5.01 -4.42 -12.12
C ALA B 46 -6.33 -4.89 -11.50
N CYS B 47 -6.74 -4.28 -10.40
CA CYS B 47 -7.99 -4.63 -9.73
C CYS B 47 -9.20 -4.36 -10.63
N ILE B 48 -9.22 -3.18 -11.24
CA ILE B 48 -10.33 -2.80 -12.12
C ILE B 48 -10.35 -3.74 -13.31
N ARG B 49 -9.16 -4.05 -13.82
CA ARG B 49 -9.01 -4.92 -14.98
C ARG B 49 -9.52 -6.33 -14.67
N GLU B 50 -9.05 -6.90 -13.56
CA GLU B 50 -9.46 -8.25 -13.21
C GLU B 50 -10.93 -8.38 -12.82
N ALA B 51 -11.55 -7.30 -12.36
CA ALA B 51 -12.96 -7.35 -12.00
C ALA B 51 -13.72 -7.49 -13.31
N LYS B 52 -13.26 -6.77 -14.33
CA LYS B 52 -13.89 -6.82 -15.65
C LYS B 52 -13.68 -8.18 -16.30
N GLU B 53 -12.47 -8.71 -16.22
CA GLU B 53 -12.14 -9.98 -16.85
C GLU B 53 -12.69 -11.22 -16.12
N GLU B 54 -12.62 -11.21 -14.80
CA GLU B 54 -13.08 -12.36 -14.02
C GLU B 54 -14.56 -12.33 -13.65
N ALA B 55 -15.19 -11.16 -13.78
CA ALA B 55 -16.61 -11.08 -13.42
C ALA B 55 -17.43 -10.18 -14.33
N GLY B 56 -16.79 -9.60 -15.35
CA GLY B 56 -17.51 -8.72 -16.25
C GLY B 56 -18.16 -7.58 -15.50
N LEU B 57 -17.46 -7.07 -14.49
CA LEU B 57 -17.99 -5.99 -13.67
C LEU B 57 -17.17 -4.70 -13.63
N ASN B 58 -17.89 -3.58 -13.65
CA ASN B 58 -17.27 -2.28 -13.52
C ASN B 58 -17.36 -2.08 -12.01
N VAL B 59 -16.28 -1.67 -11.37
CA VAL B 59 -16.29 -1.46 -9.92
C VAL B 59 -15.72 -0.10 -9.57
N THR B 60 -15.89 0.28 -8.31
CA THR B 60 -15.35 1.54 -7.81
C THR B 60 -14.58 1.18 -6.55
N LEU B 61 -13.27 1.39 -6.56
CA LEU B 61 -12.45 1.05 -5.40
C LEU B 61 -12.63 2.02 -4.25
N TYR B 62 -12.60 1.47 -3.05
CA TYR B 62 -12.72 2.26 -1.84
C TYR B 62 -11.50 3.17 -1.83
N ASN B 63 -11.71 4.47 -1.84
CA ASN B 63 -10.60 5.41 -1.86
C ASN B 63 -10.85 6.64 -0.98
N PRO B 64 -10.60 6.51 0.33
CA PRO B 64 -10.81 7.66 1.21
C PRO B 64 -9.75 8.67 0.85
N ILE B 65 -10.17 9.86 0.45
CA ILE B 65 -9.23 10.89 0.02
C ILE B 65 -8.61 11.75 1.12
N ASP B 66 -7.29 11.84 1.10
CA ASP B 66 -6.56 12.68 2.05
C ASP B 66 -6.52 14.01 1.29
N ILE B 67 -7.52 14.85 1.55
CA ILE B 67 -7.67 16.15 0.88
C ILE B 67 -6.42 17.00 0.73
N ASN B 68 -5.79 17.35 1.84
CA ASN B 68 -4.59 18.18 1.80
C ASN B 68 -3.47 17.52 1.02
N LEU B 69 -3.36 16.20 1.10
CA LEU B 69 -2.30 15.49 0.39
C LEU B 69 -2.59 15.40 -1.11
N LYS B 70 -3.85 15.18 -1.47
CA LYS B 70 -4.22 15.09 -2.88
C LYS B 70 -3.90 16.42 -3.58
N LYS B 71 -4.32 17.51 -2.96
CA LYS B 71 -4.08 18.84 -3.52
C LYS B 71 -2.60 19.15 -3.63
N SER B 72 -1.87 18.97 -2.53
CA SER B 72 -0.43 19.24 -2.53
C SER B 72 0.31 18.37 -3.55
N CYS B 73 -0.10 17.12 -3.70
CA CYS B 73 0.56 16.24 -4.68
C CYS B 73 0.43 16.85 -6.06
N ASP B 74 -0.78 17.31 -6.39
CA ASP B 74 -1.00 17.93 -7.70
C ASP B 74 -0.13 19.17 -7.85
N LEU B 75 0.29 19.73 -6.72
CA LEU B 75 1.15 20.92 -6.71
C LEU B 75 2.62 20.53 -6.75
N SER B 76 2.91 19.24 -6.65
CA SER B 76 4.28 18.78 -6.66
C SER B 76 4.65 17.94 -7.88
N GLY B 77 3.69 17.78 -8.80
CA GLY B 77 3.96 16.99 -9.98
C GLY B 77 3.81 15.49 -9.76
N GLU B 78 3.18 15.11 -8.66
CA GLU B 78 2.96 13.70 -8.37
C GLU B 78 1.47 13.43 -8.22
N LYS B 79 1.12 12.17 -8.07
CA LYS B 79 -0.28 11.79 -7.92
C LYS B 79 -0.52 10.95 -6.68
N LEU B 80 -1.59 11.25 -5.95
CA LEU B 80 -1.94 10.49 -4.77
C LEU B 80 -2.79 9.33 -5.29
N LEU B 81 -2.32 8.10 -5.08
CA LEU B 81 -3.05 6.95 -5.57
C LEU B 81 -3.92 6.33 -4.48
N ILE B 82 -4.67 5.31 -4.86
CA ILE B 82 -5.53 4.60 -3.93
C ILE B 82 -4.61 3.69 -3.12
N ASN B 83 -4.67 3.80 -1.80
CA ASN B 83 -3.82 2.99 -0.92
C ASN B 83 -4.41 1.59 -0.75
N PRO B 84 -3.55 0.56 -0.72
CA PRO B 84 -4.10 -0.79 -0.56
C PRO B 84 -4.75 -0.81 0.83
N ILE B 85 -5.73 -1.68 1.05
CA ILE B 85 -6.36 -1.77 2.36
C ILE B 85 -5.43 -2.57 3.26
N HIS B 86 -4.79 -3.58 2.66
CA HIS B 86 -3.85 -4.43 3.40
C HIS B 86 -2.78 -4.90 2.44
N THR B 87 -1.65 -5.35 3.00
CA THR B 87 -0.58 -5.90 2.19
C THR B 87 -0.26 -7.25 2.80
N ILE B 88 -0.34 -8.30 2.00
CA ILE B 88 -0.10 -9.63 2.52
C ILE B 88 0.93 -10.45 1.77
N LEU B 89 1.72 -11.23 2.51
CA LEU B 89 2.71 -12.11 1.92
C LEU B 89 2.07 -13.50 1.88
N GLY B 90 1.88 -14.04 0.69
CA GLY B 90 1.28 -15.36 0.60
C GLY B 90 1.57 -16.10 -0.68
N ASP B 91 0.81 -17.15 -0.95
CA ASP B 91 0.98 -17.95 -2.15
C ASP B 91 -0.33 -18.60 -2.57
N SER B 97 5.44 -17.84 -2.69
CA SER B 97 5.56 -16.68 -1.81
C SER B 97 5.62 -15.40 -2.63
N HIS B 98 4.65 -14.52 -2.40
CA HIS B 98 4.61 -13.25 -3.14
C HIS B 98 3.79 -12.22 -2.38
N ILE B 99 3.97 -10.95 -2.74
CA ILE B 99 3.24 -9.86 -2.10
C ILE B 99 1.92 -9.59 -2.81
N ASP B 100 0.85 -9.55 -2.04
CA ASP B 100 -0.49 -9.29 -2.57
C ASP B 100 -1.06 -8.00 -2.00
N PHE B 101 -1.51 -7.12 -2.88
CA PHE B 101 -2.10 -5.85 -2.44
C PHE B 101 -3.61 -6.02 -2.44
N VAL B 102 -4.22 -5.86 -1.26
CA VAL B 102 -5.66 -6.02 -1.13
C VAL B 102 -6.45 -4.73 -1.17
N TYR B 103 -7.50 -4.71 -1.97
CA TYR B 103 -8.37 -3.55 -2.10
C TYR B 103 -9.81 -4.00 -1.94
N TYR B 104 -10.68 -3.10 -1.49
CA TYR B 104 -12.10 -3.41 -1.34
C TYR B 104 -12.81 -2.47 -2.32
N ALA B 105 -13.95 -2.90 -2.86
CA ALA B 105 -14.66 -2.08 -3.82
C ALA B 105 -16.15 -2.35 -3.85
N THR B 106 -16.86 -1.53 -4.61
CA THR B 106 -18.29 -1.67 -4.76
C THR B 106 -18.66 -1.79 -6.23
N THR B 107 -19.87 -2.29 -6.49
CA THR B 107 -20.36 -2.42 -7.84
C THR B 107 -21.87 -2.21 -7.72
N THR B 108 -22.56 -1.95 -8.82
CA THR B 108 -23.99 -1.70 -8.75
C THR B 108 -24.92 -2.86 -9.08
N SER B 109 -24.41 -3.86 -9.79
CA SER B 109 -25.25 -5.00 -10.16
C SER B 109 -24.67 -6.36 -9.77
N PHE B 110 -25.56 -7.30 -9.48
CA PHE B 110 -25.18 -8.66 -9.09
C PHE B 110 -24.77 -9.55 -10.26
N GLU B 111 -25.29 -9.26 -11.44
CA GLU B 111 -24.99 -10.08 -12.62
C GLU B 111 -23.51 -10.10 -12.96
N THR B 112 -22.96 -11.30 -13.08
CA THR B 112 -21.55 -11.48 -13.41
C THR B 112 -21.39 -12.30 -14.69
N SER B 113 -20.29 -12.07 -15.40
CA SER B 113 -20.01 -12.79 -16.65
C SER B 113 -18.49 -12.88 -16.84
N PRO B 114 -17.88 -14.00 -16.43
CA PRO B 114 -16.43 -14.17 -16.57
C PRO B 114 -16.00 -14.47 -18.00
N GLU B 115 -14.80 -13.99 -18.37
CA GLU B 115 -14.27 -14.25 -19.69
C GLU B 115 -13.76 -15.68 -19.69
N ILE B 116 -13.38 -16.18 -20.85
CA ILE B 116 -12.83 -17.52 -20.97
C ILE B 116 -11.46 -17.48 -20.30
N GLY B 117 -11.01 -18.61 -19.77
CA GLY B 117 -9.71 -18.65 -19.11
C GLY B 117 -9.75 -18.07 -17.72
N GLU B 118 -10.96 -17.94 -17.17
CA GLU B 118 -11.15 -17.38 -15.85
C GLU B 118 -12.07 -18.31 -15.06
N SER B 119 -11.97 -18.29 -13.73
CA SER B 119 -12.83 -19.13 -12.89
C SER B 119 -14.28 -18.91 -13.30
N LYS B 120 -15.01 -20.00 -13.55
CA LYS B 120 -16.39 -19.88 -13.98
C LYS B 120 -17.42 -19.77 -12.86
N ILE B 121 -17.05 -20.19 -11.66
CA ILE B 121 -17.99 -20.16 -10.54
C ILE B 121 -17.85 -18.93 -9.65
N LEU B 122 -18.83 -18.04 -9.73
CA LEU B 122 -18.85 -16.82 -8.95
C LEU B 122 -20.03 -16.88 -7.98
N LYS B 123 -19.86 -16.38 -6.77
CA LYS B 123 -20.94 -16.40 -5.79
C LYS B 123 -20.95 -15.17 -4.88
N TRP B 124 -22.14 -14.66 -4.58
CA TRP B 124 -22.29 -13.51 -3.70
C TRP B 124 -22.61 -14.01 -2.30
N TYR B 125 -22.00 -13.39 -1.29
CA TYR B 125 -22.19 -13.82 0.09
C TYR B 125 -22.63 -12.72 1.04
N SER B 126 -23.65 -13.03 1.84
CA SER B 126 -24.12 -12.11 2.86
C SER B 126 -23.27 -12.55 4.06
N LYS B 127 -23.35 -11.85 5.19
CA LYS B 127 -22.56 -12.25 6.34
C LYS B 127 -22.96 -13.65 6.83
N GLU B 128 -24.24 -13.99 6.70
CA GLU B 128 -24.72 -15.31 7.10
C GLU B 128 -24.11 -16.36 6.15
N ASP B 129 -24.15 -16.07 4.85
CA ASP B 129 -23.59 -16.98 3.85
C ASP B 129 -22.12 -17.27 4.11
N LEU B 130 -21.38 -16.24 4.52
CA LEU B 130 -19.95 -16.38 4.82
C LEU B 130 -19.75 -17.33 6.01
N LYS B 131 -20.56 -17.14 7.05
CA LYS B 131 -20.49 -17.98 8.24
C LYS B 131 -20.86 -19.45 7.96
N ASN B 132 -21.75 -19.66 7.00
CA ASN B 132 -22.19 -21.00 6.65
C ASN B 132 -21.38 -21.75 5.59
N ALA B 133 -20.56 -21.05 4.83
CA ALA B 133 -19.76 -21.68 3.78
C ALA B 133 -18.78 -22.72 4.34
N HIS B 134 -18.43 -23.70 3.51
CA HIS B 134 -17.50 -24.76 3.92
C HIS B 134 -16.16 -24.68 3.20
N ASN B 135 -16.06 -23.80 2.22
CA ASN B 135 -14.83 -23.69 1.44
C ASN B 135 -14.17 -22.31 1.42
N ILE B 136 -14.21 -21.61 2.54
CA ILE B 136 -13.59 -20.29 2.62
C ILE B 136 -12.59 -20.25 3.77
N GLN B 137 -11.33 -19.94 3.46
CA GLN B 137 -10.28 -19.86 4.46
C GLN B 137 -10.53 -18.70 5.41
N GLU B 138 -10.07 -18.84 6.65
CA GLU B 138 -10.30 -17.84 7.66
C GLU B 138 -9.86 -16.41 7.33
N ASN B 139 -8.68 -16.25 6.74
CA ASN B 139 -8.22 -14.91 6.42
C ASN B 139 -9.13 -14.27 5.37
N ILE B 140 -9.65 -15.09 4.46
CA ILE B 140 -10.55 -14.62 3.40
C ILE B 140 -11.88 -14.21 4.03
N LEU B 141 -12.29 -14.97 5.03
CA LEU B 141 -13.53 -14.68 5.74
C LEU B 141 -13.41 -13.33 6.45
N VAL B 142 -12.27 -13.09 7.08
CA VAL B 142 -12.07 -11.83 7.78
C VAL B 142 -12.07 -10.62 6.85
N MSE B 143 -11.41 -10.72 5.70
CA MSE B 143 -11.37 -9.61 4.77
C MSE B 143 -12.70 -9.41 4.06
O MSE B 143 -13.09 -8.28 3.77
CB MSE B 143 -10.25 -9.80 3.74
CG MSE B 143 -8.88 -9.67 4.39
SE MSE B 143 -7.42 -9.75 3.13
CE MSE B 143 -7.31 -11.66 2.89
N ALA B 144 -13.40 -10.50 3.76
CA ALA B 144 -14.71 -10.39 3.12
C ALA B 144 -15.66 -9.67 4.08
N THR B 145 -15.52 -9.96 5.37
CA THR B 145 -16.38 -9.34 6.37
C THR B 145 -16.02 -7.86 6.53
N GLU B 146 -14.74 -7.52 6.45
CA GLU B 146 -14.33 -6.14 6.57
C GLU B 146 -14.89 -5.34 5.40
N ALA B 147 -14.82 -5.92 4.21
CA ALA B 147 -15.32 -5.24 3.01
C ALA B 147 -16.80 -4.94 3.20
N LEU B 148 -17.53 -5.93 3.68
CA LEU B 148 -18.96 -5.80 3.94
C LEU B 148 -19.23 -4.74 5.00
N ASP B 149 -18.53 -4.82 6.13
CA ASP B 149 -18.74 -3.85 7.20
C ASP B 149 -18.43 -2.42 6.77
N LEU B 150 -17.40 -2.27 5.95
CA LEU B 150 -16.98 -0.96 5.46
C LEU B 150 -17.84 -0.42 4.31
N LEU B 151 -18.21 -1.28 3.38
CA LEU B 151 -18.95 -0.89 2.18
C LEU B 151 -20.44 -1.21 2.02
N GLU B 152 -21.00 -2.07 2.87
CA GLU B 152 -22.40 -2.41 2.66
C GLU B 152 -23.37 -1.26 2.94
#